data_6VNV
#
_entry.id   6VNV
#
_cell.length_a   35.873
_cell.length_b   72.714
_cell.length_c   98.465
_cell.angle_alpha   90.000
_cell.angle_beta   90.000
_cell.angle_gamma   90.000
#
_symmetry.space_group_name_H-M   'P 21 21 21'
#
loop_
_entity.id
_entity.type
_entity.pdbx_description
1 polymer 'Non-receptor tyrosine-protein kinase TYK2'
2 non-polymer (1S,2S)-2-cyano-N-[(1S,5R)-3-(5-fluoro-2-{[1-(2-hydroxyethyl)-1H-pyrazol-4-yl]amino}pyrimidin-4-yl)-3-azabicyclo[3.1.0]hexan-1-yl]cyclopropane-1-carboxamide
3 water water
#
_entity_poly.entity_id   1
_entity_poly.type   'polypeptide(L)'
_entity_poly.pdbx_seq_one_letter_code
;MAHHHHHHHHHHGALEVLFQGPGDPTVFHKRYLKKIRDLGEGHFGKVSLYCYDPTNDGTGEMVAVKALKADAGPQHRSGW
KQEIDILRTLYHEHIIKYKGCCEDAGAASLQLVMEYVPLGSLRDYLPRHSIGLAQLLLFAQQICEGMAYLHSQHYIHRDL
AARNVLLDNDRLVKIGDFGLAKAVPEGHE(PTR)YRVREDGDSPVFWYAPECLKEYKFYYASDVWSFGVTLYELLTHCDS
SQSPPTKFLELIGIAQGQMTVLRLTELLERGERLPRPDKCPAEVYHLMKNCWETEASFRPTFENLIPILKTVHEKYQGQA
PS
;
_entity_poly.pdbx_strand_id   A
#
# COMPACT_ATOMS: atom_id res chain seq x y z
N PRO A 25 12.66 19.87 9.56
CA PRO A 25 13.70 19.72 10.59
C PRO A 25 15.12 19.70 10.00
N THR A 26 15.63 18.49 9.66
CA THR A 26 16.96 18.29 9.05
C THR A 26 16.91 18.86 7.64
N VAL A 27 17.95 19.64 7.27
CA VAL A 27 18.07 20.23 5.94
C VAL A 27 19.28 19.62 5.24
N PHE A 28 19.02 18.64 4.36
CA PHE A 28 20.03 17.96 3.57
C PHE A 28 20.41 18.89 2.43
N HIS A 29 21.69 19.00 2.11
CA HIS A 29 22.12 19.87 1.02
C HIS A 29 22.35 19.04 -0.24
N LYS A 30 21.62 19.41 -1.32
CA LYS A 30 21.59 18.77 -2.64
C LYS A 30 22.97 18.44 -3.25
N ARG A 31 23.96 19.33 -3.08
CA ARG A 31 25.33 19.16 -3.61
C ARG A 31 26.07 17.96 -3.00
N TYR A 32 25.63 17.50 -1.81
CA TYR A 32 26.21 16.38 -1.08
C TYR A 32 25.48 15.04 -1.32
N LEU A 33 24.28 15.10 -1.95
CA LEU A 33 23.53 13.89 -2.26
C LEU A 33 24.16 13.23 -3.49
N LYS A 34 24.62 11.99 -3.34
CA LYS A 34 25.24 11.21 -4.41
C LYS A 34 24.28 10.10 -4.83
N LYS A 35 23.73 10.19 -6.05
CA LYS A 35 22.82 9.18 -6.58
C LYS A 35 23.51 7.82 -6.69
N ILE A 36 22.83 6.76 -6.25
CA ILE A 36 23.33 5.39 -6.33
C ILE A 36 22.52 4.63 -7.39
N ARG A 37 21.19 4.58 -7.23
CA ARG A 37 20.26 3.95 -8.15
C ARG A 37 18.84 4.44 -7.93
N ASP A 38 17.96 4.04 -8.84
CA ASP A 38 16.55 4.31 -8.77
C ASP A 38 15.94 3.24 -7.90
N LEU A 39 14.90 3.61 -7.11
CA LEU A 39 14.20 2.67 -6.24
C LEU A 39 12.78 2.50 -6.64
N GLY A 40 12.25 3.51 -7.32
CA GLY A 40 10.87 3.50 -7.77
C GLY A 40 10.53 4.73 -8.56
N GLU A 41 9.44 4.63 -9.34
CA GLU A 41 8.92 5.71 -10.17
C GLU A 41 7.43 5.57 -10.46
N GLY A 42 6.77 6.72 -10.45
CA GLY A 42 5.37 6.91 -10.79
C GLY A 42 5.26 8.01 -11.83
N HIS A 43 4.07 8.11 -12.46
CA HIS A 43 3.79 9.10 -13.51
C HIS A 43 4.05 10.54 -13.05
N PHE A 44 4.13 10.78 -11.71
CA PHE A 44 4.40 12.10 -11.17
C PHE A 44 5.63 12.20 -10.26
N GLY A 45 6.16 11.07 -9.81
CA GLY A 45 7.29 11.08 -8.89
C GLY A 45 8.35 9.98 -9.02
N LYS A 46 9.51 10.25 -8.46
CA LYS A 46 10.60 9.28 -8.50
C LYS A 46 11.25 9.21 -7.15
N VAL A 47 11.65 7.98 -6.73
CA VAL A 47 12.40 7.75 -5.52
C VAL A 47 13.79 7.19 -5.89
N SER A 48 14.87 7.82 -5.39
CA SER A 48 16.23 7.32 -5.62
C SER A 48 17.01 7.04 -4.34
N LEU A 49 17.93 6.08 -4.42
CA LEU A 49 18.82 5.85 -3.30
C LEU A 49 20.00 6.88 -3.43
N TYR A 50 20.31 7.55 -2.35
CA TYR A 50 21.37 8.52 -2.32
C TYR A 50 22.30 8.20 -1.20
N CYS A 51 23.53 8.72 -1.32
CA CYS A 51 24.52 8.66 -0.29
C CYS A 51 24.70 10.12 0.12
N TYR A 52 24.34 10.47 1.35
CA TYR A 52 24.50 11.85 1.80
C TYR A 52 25.93 11.99 2.34
N ASP A 53 26.84 12.50 1.49
CA ASP A 53 28.25 12.62 1.84
C ASP A 53 28.77 14.06 2.02
N PRO A 54 28.77 14.56 3.27
CA PRO A 54 29.28 15.93 3.51
C PRO A 54 30.81 15.99 3.69
N THR A 55 31.55 14.93 3.27
CA THR A 55 33.01 14.80 3.38
C THR A 55 33.60 14.04 2.20
N GLU A 61 25.89 8.26 4.85
CA GLU A 61 24.62 7.59 5.13
C GLU A 61 23.74 7.40 3.87
N MET A 62 23.00 6.28 3.83
CA MET A 62 22.13 5.89 2.71
C MET A 62 20.73 6.45 2.91
N VAL A 63 20.26 7.26 1.93
CA VAL A 63 18.92 7.87 2.05
C VAL A 63 18.04 7.63 0.83
N ALA A 64 16.74 7.50 1.05
CA ALA A 64 15.79 7.36 -0.04
C ALA A 64 15.24 8.76 -0.22
N VAL A 65 15.38 9.33 -1.42
CA VAL A 65 14.92 10.69 -1.71
C VAL A 65 13.85 10.62 -2.78
N LYS A 66 12.70 11.25 -2.52
CA LYS A 66 11.53 11.28 -3.38
C LYS A 66 11.36 12.67 -3.95
N ALA A 67 11.27 12.74 -5.25
CA ALA A 67 11.12 13.98 -5.96
C ALA A 67 9.95 13.93 -6.87
N LEU A 68 9.32 15.10 -7.01
CA LEU A 68 8.18 15.31 -7.88
C LEU A 68 8.73 15.67 -9.26
N LYS A 69 8.11 15.20 -10.33
CA LYS A 69 8.59 15.52 -11.67
C LYS A 69 8.37 17.00 -12.05
N ALA A 70 9.26 17.52 -12.92
CA ALA A 70 9.27 18.90 -13.43
C ALA A 70 7.97 19.25 -14.16
N PRO A 74 0.53 22.27 -10.68
CA PRO A 74 0.22 22.87 -9.37
C PRO A 74 -0.68 22.03 -8.47
N GLN A 75 -1.55 21.17 -9.05
CA GLN A 75 -2.48 20.29 -8.32
C GLN A 75 -1.71 19.10 -7.76
N HIS A 76 -0.75 18.58 -8.56
CA HIS A 76 0.15 17.49 -8.16
C HIS A 76 1.20 18.08 -7.21
N ARG A 77 1.50 19.40 -7.36
CA ARG A 77 2.46 20.11 -6.52
C ARG A 77 1.87 20.40 -5.14
N SER A 78 0.57 20.77 -5.08
CA SER A 78 -0.16 21.03 -3.83
C SER A 78 -0.35 19.70 -3.08
N GLY A 79 -0.67 18.64 -3.82
CA GLY A 79 -0.79 17.28 -3.30
C GLY A 79 0.54 16.78 -2.75
N TRP A 80 1.66 17.21 -3.36
CA TRP A 80 3.03 16.90 -2.95
C TRP A 80 3.37 17.57 -1.61
N LYS A 81 2.91 18.82 -1.41
CA LYS A 81 3.10 19.56 -0.16
C LYS A 81 2.42 18.83 1.00
N GLN A 82 1.19 18.33 0.77
CA GLN A 82 0.39 17.57 1.71
C GLN A 82 1.05 16.20 1.99
N GLU A 83 1.64 15.60 0.95
CA GLU A 83 2.35 14.33 1.11
C GLU A 83 3.50 14.44 2.14
N ILE A 84 4.41 15.42 1.95
CA ILE A 84 5.54 15.66 2.86
C ILE A 84 5.03 15.93 4.29
N ASP A 85 3.99 16.82 4.42
CA ASP A 85 3.34 17.19 5.68
C ASP A 85 2.79 15.95 6.36
N ILE A 86 2.09 15.06 5.61
CA ILE A 86 1.54 13.81 6.14
C ILE A 86 2.65 12.96 6.75
N LEU A 87 3.76 12.68 6.02
CA LEU A 87 4.82 11.82 6.55
C LEU A 87 5.59 12.46 7.70
N ARG A 88 5.75 13.81 7.67
CA ARG A 88 6.39 14.61 8.74
C ARG A 88 5.77 14.30 10.12
N THR A 89 4.44 14.18 10.16
CA THR A 89 3.64 13.93 11.36
C THR A 89 3.47 12.43 11.71
N LEU A 90 4.04 11.50 10.92
CA LEU A 90 3.89 10.08 11.24
C LEU A 90 5.13 9.46 11.83
N TYR A 91 4.95 8.73 12.93
CA TYR A 91 6.03 7.99 13.57
C TYR A 91 5.46 6.71 14.08
N HIS A 92 5.94 5.62 13.50
CA HIS A 92 5.51 4.27 13.82
C HIS A 92 6.55 3.35 13.25
N GLU A 93 6.83 2.23 13.94
CA GLU A 93 7.80 1.20 13.55
C GLU A 93 7.49 0.50 12.21
N HIS A 94 6.24 0.66 11.73
CA HIS A 94 5.76 0.05 10.48
C HIS A 94 5.36 1.12 9.48
N ILE A 95 6.01 2.28 9.61
CA ILE A 95 5.87 3.44 8.73
C ILE A 95 7.28 3.95 8.46
N ILE A 96 7.68 3.99 7.16
CA ILE A 96 8.97 4.48 6.71
C ILE A 96 9.34 5.76 7.50
N LYS A 97 10.59 5.84 7.97
CA LYS A 97 11.01 7.00 8.75
C LYS A 97 11.23 8.25 7.91
N TYR A 98 10.58 9.35 8.31
CA TYR A 98 10.78 10.65 7.68
C TYR A 98 12.18 11.09 8.15
N LYS A 99 13.01 11.56 7.24
CA LYS A 99 14.39 11.90 7.61
C LYS A 99 14.71 13.40 7.51
N GLY A 100 13.87 14.14 6.82
CA GLY A 100 14.08 15.57 6.59
C GLY A 100 13.92 15.97 5.14
N CYS A 101 14.17 17.23 4.84
CA CYS A 101 14.03 17.77 3.48
C CYS A 101 15.33 18.23 2.83
N CYS A 102 15.25 18.53 1.53
CA CYS A 102 16.37 18.97 0.70
C CYS A 102 15.90 20.10 -0.20
N LEU A 110 10.47 20.87 -3.69
CA LEU A 110 10.93 20.17 -2.48
C LEU A 110 11.17 18.67 -2.71
N GLN A 111 12.22 18.15 -2.12
CA GLN A 111 12.53 16.74 -2.18
C GLN A 111 12.30 16.13 -0.80
N LEU A 112 11.83 14.89 -0.76
CA LEU A 112 11.50 14.20 0.48
C LEU A 112 12.57 13.13 0.79
N VAL A 113 13.35 13.34 1.85
CA VAL A 113 14.43 12.48 2.31
C VAL A 113 13.88 11.54 3.37
N MET A 114 14.02 10.26 3.14
CA MET A 114 13.49 9.21 4.00
C MET A 114 14.59 8.23 4.21
N GLU A 115 14.42 7.36 5.19
CA GLU A 115 15.39 6.31 5.44
C GLU A 115 15.39 5.35 4.25
N TYR A 116 16.50 4.66 4.05
CA TYR A 116 16.63 3.66 3.01
C TYR A 116 16.21 2.34 3.63
N VAL A 117 15.17 1.70 3.10
CA VAL A 117 14.68 0.42 3.66
C VAL A 117 15.36 -0.67 2.85
N PRO A 118 16.30 -1.42 3.49
CA PRO A 118 17.20 -2.28 2.71
C PRO A 118 16.71 -3.36 1.77
N LEU A 119 15.64 -4.09 2.06
CA LEU A 119 15.33 -5.19 1.13
C LEU A 119 14.26 -4.93 0.09
N GLY A 120 13.81 -3.67 0.03
CA GLY A 120 12.83 -3.19 -0.94
C GLY A 120 11.39 -3.59 -0.74
N SER A 121 10.58 -3.36 -1.76
CA SER A 121 9.18 -3.70 -1.75
C SER A 121 8.98 -5.22 -1.71
N LEU A 122 7.88 -5.66 -1.07
CA LEU A 122 7.52 -7.07 -1.04
C LEU A 122 7.21 -7.47 -2.47
N ARG A 123 6.81 -6.54 -3.34
CA ARG A 123 6.51 -6.83 -4.75
C ARG A 123 7.78 -7.28 -5.49
N ASP A 124 8.93 -6.68 -5.16
CA ASP A 124 10.24 -6.97 -5.72
C ASP A 124 10.85 -8.17 -5.04
N TYR A 125 10.74 -8.23 -3.70
CA TYR A 125 11.31 -9.30 -2.86
C TYR A 125 10.62 -10.63 -3.04
N LEU A 126 9.26 -10.69 -2.90
CA LEU A 126 8.50 -11.94 -2.87
C LEU A 126 8.67 -12.89 -4.06
N PRO A 127 8.64 -12.46 -5.34
CA PRO A 127 8.83 -13.43 -6.44
C PRO A 127 10.20 -14.12 -6.42
N ARG A 128 11.13 -13.57 -5.64
CA ARG A 128 12.51 -14.03 -5.54
C ARG A 128 12.85 -14.78 -4.27
N HIS A 129 12.06 -14.58 -3.21
CA HIS A 129 12.32 -15.26 -1.96
C HIS A 129 11.10 -16.02 -1.46
N SER A 130 11.15 -17.37 -1.48
CA SER A 130 10.04 -18.23 -1.03
C SER A 130 9.97 -18.21 0.47
N ILE A 131 9.43 -17.11 0.99
CA ILE A 131 9.14 -16.79 2.38
C ILE A 131 8.01 -17.74 2.80
N GLY A 132 8.01 -18.15 4.06
CA GLY A 132 7.01 -19.04 4.61
C GLY A 132 5.73 -18.33 4.99
N LEU A 133 4.67 -19.12 5.17
CA LEU A 133 3.34 -18.65 5.54
C LEU A 133 3.32 -17.82 6.80
N ALA A 134 4.10 -18.22 7.82
CA ALA A 134 4.20 -17.55 9.12
C ALA A 134 4.72 -16.13 8.99
N GLN A 135 5.81 -15.97 8.23
CA GLN A 135 6.43 -14.67 7.97
C GLN A 135 5.49 -13.79 7.17
N LEU A 136 4.75 -14.37 6.20
CA LEU A 136 3.76 -13.64 5.40
C LEU A 136 2.69 -13.05 6.27
N LEU A 137 2.22 -13.84 7.26
CA LEU A 137 1.21 -13.40 8.22
C LEU A 137 1.73 -12.38 9.21
N LEU A 138 3.05 -12.43 9.50
CA LEU A 138 3.64 -11.45 10.40
C LEU A 138 3.67 -10.11 9.70
N PHE A 139 4.00 -10.14 8.40
CA PHE A 139 4.06 -8.96 7.54
C PHE A 139 2.66 -8.33 7.51
N ALA A 140 1.62 -9.18 7.29
CA ALA A 140 0.19 -8.81 7.26
C ALA A 140 -0.21 -8.10 8.55
N GLN A 141 0.24 -8.64 9.72
CA GLN A 141 -0.02 -8.03 11.02
C GLN A 141 0.66 -6.69 11.12
N GLN A 142 1.96 -6.65 10.75
CA GLN A 142 2.79 -5.43 10.78
C GLN A 142 2.18 -4.32 9.92
N ILE A 143 1.66 -4.69 8.72
CA ILE A 143 0.89 -3.76 7.86
C ILE A 143 -0.38 -3.25 8.60
N CYS A 144 -1.14 -4.16 9.27
CA CYS A 144 -2.33 -3.72 10.03
C CYS A 144 -2.04 -2.77 11.15
N GLU A 145 -0.88 -2.93 11.81
CA GLU A 145 -0.46 -2.04 12.87
C GLU A 145 -0.18 -0.64 12.37
N GLY A 146 0.62 -0.54 11.32
CA GLY A 146 0.93 0.74 10.69
C GLY A 146 -0.32 1.40 10.14
N MET A 147 -1.24 0.58 9.61
CA MET A 147 -2.51 1.06 9.05
C MET A 147 -3.48 1.55 10.14
N ALA A 148 -3.55 0.81 11.29
CA ALA A 148 -4.35 1.16 12.46
C ALA A 148 -3.84 2.49 12.97
N TYR A 149 -2.51 2.63 13.08
CA TYR A 149 -1.88 3.86 13.47
C TYR A 149 -2.24 4.99 12.50
N LEU A 150 -1.98 4.79 11.18
CA LEU A 150 -2.33 5.79 10.14
C LEU A 150 -3.79 6.23 10.24
N HIS A 151 -4.69 5.26 10.43
CA HIS A 151 -6.12 5.54 10.55
C HIS A 151 -6.50 6.36 11.79
N SER A 152 -5.85 6.08 12.95
CA SER A 152 -6.09 6.83 14.19
C SER A 152 -5.65 8.27 14.06
N GLN A 153 -4.71 8.55 13.11
CA GLN A 153 -4.23 9.90 12.82
C GLN A 153 -5.16 10.63 11.87
N HIS A 154 -6.29 9.97 11.49
CA HIS A 154 -7.31 10.45 10.57
C HIS A 154 -6.86 10.54 9.11
N TYR A 155 -5.97 9.62 8.70
CA TYR A 155 -5.50 9.53 7.32
C TYR A 155 -5.91 8.23 6.70
N ILE A 156 -6.28 8.28 5.44
CA ILE A 156 -6.56 7.08 4.64
C ILE A 156 -5.34 7.02 3.72
N HIS A 157 -4.91 5.81 3.36
CA HIS A 157 -3.72 5.58 2.57
C HIS A 157 -4.00 5.69 1.05
N ARG A 158 -5.07 5.00 0.58
CA ARG A 158 -5.55 4.97 -0.81
C ARG A 158 -4.60 4.30 -1.82
N ASP A 159 -3.50 3.68 -1.37
CA ASP A 159 -2.57 3.02 -2.30
C ASP A 159 -1.88 1.82 -1.61
N LEU A 160 -2.65 1.12 -0.78
CA LEU A 160 -2.10 0.02 -0.04
C LEU A 160 -1.93 -1.21 -0.90
N ALA A 161 -0.70 -1.43 -1.33
CA ALA A 161 -0.30 -2.54 -2.20
C ALA A 161 1.05 -3.05 -1.77
N ALA A 162 1.43 -4.25 -2.22
CA ALA A 162 2.72 -4.86 -1.86
C ALA A 162 3.91 -4.00 -2.29
N ARG A 163 3.81 -3.32 -3.46
CA ARG A 163 4.84 -2.37 -3.97
C ARG A 163 5.10 -1.23 -2.94
N ASN A 164 4.11 -0.95 -2.04
CA ASN A 164 4.26 0.11 -1.03
C ASN A 164 4.66 -0.37 0.34
N VAL A 165 4.85 -1.67 0.47
CA VAL A 165 5.26 -2.35 1.70
C VAL A 165 6.73 -2.72 1.51
N LEU A 166 7.59 -2.09 2.31
CA LEU A 166 9.03 -2.20 2.31
C LEU A 166 9.54 -3.13 3.39
N LEU A 167 10.46 -3.99 3.01
CA LEU A 167 11.10 -5.00 3.83
C LEU A 167 12.41 -4.48 4.45
N ASP A 168 12.47 -4.31 5.79
CA ASP A 168 13.68 -3.87 6.49
C ASP A 168 14.63 -5.04 6.75
N ASN A 169 14.06 -6.16 7.17
CA ASN A 169 14.71 -7.45 7.41
C ASN A 169 13.59 -8.50 7.37
N ASP A 170 13.93 -9.81 7.31
CA ASP A 170 12.99 -10.94 7.30
C ASP A 170 11.85 -10.90 8.39
N ARG A 171 11.98 -10.03 9.41
CA ARG A 171 10.95 -9.88 10.45
C ARG A 171 10.47 -8.42 10.59
N LEU A 172 10.82 -7.52 9.65
CA LEU A 172 10.33 -6.13 9.76
C LEU A 172 9.83 -5.58 8.43
N VAL A 173 8.57 -5.11 8.45
CA VAL A 173 7.97 -4.47 7.30
C VAL A 173 7.49 -3.03 7.63
N LYS A 174 7.52 -2.14 6.65
CA LYS A 174 7.09 -0.74 6.83
C LYS A 174 6.33 -0.31 5.59
N ILE A 175 5.24 0.45 5.77
CA ILE A 175 4.50 1.10 4.69
C ILE A 175 5.49 2.23 4.26
N GLY A 176 5.89 2.20 3.00
CA GLY A 176 6.96 3.04 2.47
C GLY A 176 6.66 4.17 1.52
N ASP A 177 5.39 4.37 1.21
CA ASP A 177 4.98 5.44 0.33
C ASP A 177 3.62 5.97 0.75
N PHE A 178 3.44 7.30 0.64
CA PHE A 178 2.22 8.00 1.04
C PHE A 178 1.74 9.00 -0.01
N GLY A 179 2.03 8.71 -1.28
CA GLY A 179 1.67 9.54 -2.44
C GLY A 179 0.20 9.86 -2.60
N LEU A 180 -0.68 8.95 -2.21
CA LEU A 180 -2.12 9.17 -2.32
C LEU A 180 -2.79 9.38 -0.97
N ALA A 181 -2.03 9.31 0.12
CA ALA A 181 -2.56 9.50 1.46
C ALA A 181 -3.21 10.88 1.58
N LYS A 182 -4.41 10.90 2.18
CA LYS A 182 -5.22 12.09 2.40
C LYS A 182 -5.79 12.03 3.79
N ALA A 183 -6.08 13.21 4.35
CA ALA A 183 -6.74 13.35 5.65
C ALA A 183 -8.23 13.12 5.45
N VAL A 184 -8.90 12.47 6.40
CA VAL A 184 -10.34 12.31 6.30
C VAL A 184 -10.92 13.62 6.88
N PRO A 185 -11.78 14.37 6.13
CA PRO A 185 -12.35 15.61 6.70
C PRO A 185 -13.21 15.29 7.94
N GLU A 186 -12.97 16.04 9.03
CA GLU A 186 -13.59 15.95 10.36
C GLU A 186 -15.10 15.64 10.49
N GLY A 187 -15.91 16.22 9.64
CA GLY A 187 -17.34 15.91 9.72
C GLY A 187 -17.79 14.90 8.69
N HIS A 188 -16.88 14.06 8.18
CA HIS A 188 -17.22 13.12 7.11
C HIS A 188 -16.48 11.82 7.38
N GLU A 189 -17.11 10.70 7.06
CA GLU A 189 -16.52 9.38 7.32
C GLU A 189 -15.64 8.84 6.19
N TYR A 191 -13.25 10.39 2.29
CA TYR A 191 -12.68 11.46 1.47
C TYR A 191 -13.24 11.32 0.04
N ARG A 192 -13.56 12.44 -0.60
CA ARG A 192 -14.10 12.41 -1.96
C ARG A 192 -12.95 12.32 -2.94
N VAL A 193 -12.76 11.14 -3.58
CA VAL A 193 -11.60 10.86 -4.42
C VAL A 193 -11.42 11.64 -5.71
N ARG A 194 -12.27 11.42 -6.73
CA ARG A 194 -12.17 11.96 -8.11
C ARG A 194 -11.37 10.98 -8.99
N GLU A 195 -11.87 10.60 -10.20
CA GLU A 195 -11.04 9.68 -10.99
C GLU A 195 -9.87 10.31 -11.75
N ASP A 196 -8.76 9.57 -11.66
CA ASP A 196 -7.46 9.75 -12.23
C ASP A 196 -7.19 8.45 -12.95
N GLY A 197 -6.45 8.52 -14.04
CA GLY A 197 -6.07 7.33 -14.82
C GLY A 197 -5.13 6.41 -14.07
N ASP A 198 -4.38 6.98 -13.11
CA ASP A 198 -3.40 6.32 -12.28
C ASP A 198 -3.92 5.87 -10.89
N SER A 199 -5.24 5.78 -10.71
CA SER A 199 -5.82 5.28 -9.46
C SER A 199 -5.56 3.77 -9.37
N PRO A 200 -5.19 3.24 -8.20
CA PRO A 200 -4.96 1.77 -8.11
C PRO A 200 -6.30 1.02 -8.01
N VAL A 201 -7.07 1.07 -9.11
CA VAL A 201 -8.39 0.47 -9.22
C VAL A 201 -8.44 -1.04 -8.92
N PHE A 202 -7.33 -1.79 -9.17
CA PHE A 202 -7.38 -3.22 -8.88
C PHE A 202 -7.22 -3.55 -7.40
N TRP A 203 -6.95 -2.51 -6.58
CA TRP A 203 -6.84 -2.62 -5.12
C TRP A 203 -8.02 -1.88 -4.44
N TYR A 204 -9.04 -1.48 -5.21
CA TYR A 204 -10.14 -0.66 -4.71
C TYR A 204 -11.49 -1.31 -4.47
N ALA A 205 -12.13 -0.92 -3.36
CA ALA A 205 -13.48 -1.36 -2.99
C ALA A 205 -14.53 -0.76 -3.95
N PRO A 206 -15.72 -1.39 -4.14
CA PRO A 206 -16.70 -0.81 -5.07
C PRO A 206 -17.07 0.64 -4.76
N GLU A 207 -17.11 1.07 -3.47
CA GLU A 207 -17.47 2.47 -3.14
C GLU A 207 -16.55 3.53 -3.74
N CYS A 208 -15.27 3.21 -3.92
CA CYS A 208 -14.26 4.09 -4.51
C CYS A 208 -14.44 4.18 -6.02
N LEU A 209 -14.76 3.07 -6.63
CA LEU A 209 -14.92 2.90 -8.07
C LEU A 209 -16.24 3.45 -8.58
N LYS A 210 -17.27 3.42 -7.74
CA LYS A 210 -18.63 3.77 -8.10
C LYS A 210 -19.06 5.12 -7.57
N GLU A 211 -18.86 5.35 -6.27
CA GLU A 211 -19.34 6.55 -5.57
C GLU A 211 -18.23 7.54 -5.35
N TYR A 212 -16.97 7.14 -5.66
CA TYR A 212 -15.77 7.95 -5.51
C TYR A 212 -15.59 8.44 -4.10
N LYS A 213 -16.00 7.59 -3.14
CA LYS A 213 -15.91 7.82 -1.70
C LYS A 213 -14.85 6.87 -1.10
N PHE A 214 -13.80 7.42 -0.51
CA PHE A 214 -12.78 6.61 0.13
C PHE A 214 -12.94 6.65 1.64
N TYR A 215 -13.34 5.52 2.24
CA TYR A 215 -13.54 5.38 3.70
C TYR A 215 -12.34 4.68 4.28
N TYR A 216 -12.23 4.64 5.63
CA TYR A 216 -11.17 3.89 6.30
C TYR A 216 -11.32 2.42 5.89
N ALA A 217 -12.57 1.95 5.73
CA ALA A 217 -12.96 0.60 5.31
C ALA A 217 -12.47 0.27 3.89
N SER A 218 -12.32 1.29 3.01
CA SER A 218 -11.75 1.13 1.65
C SER A 218 -10.26 0.71 1.73
N ASP A 219 -9.48 1.22 2.72
CA ASP A 219 -8.10 0.73 2.93
C ASP A 219 -8.10 -0.76 3.44
N VAL A 220 -9.16 -1.23 4.12
CA VAL A 220 -9.18 -2.64 4.53
C VAL A 220 -9.33 -3.54 3.29
N TRP A 221 -10.15 -3.09 2.32
CA TRP A 221 -10.30 -3.76 1.03
C TRP A 221 -8.93 -3.94 0.39
N SER A 222 -8.14 -2.85 0.30
CA SER A 222 -6.78 -2.80 -0.26
C SER A 222 -5.88 -3.72 0.48
N PHE A 223 -5.91 -3.67 1.83
CA PHE A 223 -5.19 -4.60 2.67
C PHE A 223 -5.50 -6.10 2.26
N GLY A 224 -6.77 -6.41 2.03
CA GLY A 224 -7.18 -7.75 1.60
C GLY A 224 -6.51 -8.10 0.28
N VAL A 225 -6.40 -7.10 -0.62
CA VAL A 225 -5.72 -7.27 -1.90
C VAL A 225 -4.20 -7.44 -1.69
N THR A 226 -3.60 -6.65 -0.75
CA THR A 226 -2.18 -6.79 -0.40
C THR A 226 -1.95 -8.19 0.22
N LEU A 227 -2.86 -8.66 1.05
CA LEU A 227 -2.75 -9.98 1.65
C LEU A 227 -2.76 -11.06 0.57
N TYR A 228 -3.63 -10.96 -0.45
CA TYR A 228 -3.70 -11.86 -1.61
C TYR A 228 -2.35 -11.83 -2.33
N GLU A 229 -1.81 -10.61 -2.60
CA GLU A 229 -0.51 -10.44 -3.24
C GLU A 229 0.58 -11.19 -2.52
N LEU A 230 0.64 -11.01 -1.19
CA LEU A 230 1.64 -11.66 -0.33
C LEU A 230 1.57 -13.18 -0.39
N LEU A 231 0.36 -13.72 -0.43
CA LEU A 231 0.10 -15.15 -0.48
C LEU A 231 0.33 -15.79 -1.86
N THR A 232 0.34 -14.96 -2.91
CA THR A 232 0.68 -15.39 -4.27
C THR A 232 2.14 -15.14 -4.52
N HIS A 233 2.87 -14.63 -3.51
CA HIS A 233 4.31 -14.29 -3.54
C HIS A 233 4.57 -13.21 -4.58
N CYS A 234 3.58 -12.33 -4.79
CA CYS A 234 3.68 -11.29 -5.81
C CYS A 234 3.97 -11.75 -7.26
N ASP A 235 3.56 -12.99 -7.57
CA ASP A 235 3.66 -13.60 -8.90
C ASP A 235 2.76 -12.76 -9.83
N SER A 236 3.36 -12.27 -10.93
CA SER A 236 2.77 -11.41 -11.95
C SER A 236 1.59 -12.02 -12.65
N SER A 237 1.66 -13.33 -12.97
CA SER A 237 0.56 -14.05 -13.64
C SER A 237 -0.65 -14.21 -12.69
N GLN A 238 -0.42 -14.00 -11.39
CA GLN A 238 -1.44 -14.09 -10.36
C GLN A 238 -1.85 -12.72 -9.80
N SER A 239 -1.24 -11.63 -10.28
CA SER A 239 -1.53 -10.30 -9.73
C SER A 239 -2.96 -9.75 -9.91
N PRO A 240 -3.40 -8.82 -9.02
CA PRO A 240 -4.76 -8.25 -9.16
C PRO A 240 -5.04 -7.68 -10.57
N PRO A 241 -4.19 -6.81 -11.21
CA PRO A 241 -4.48 -6.39 -12.61
C PRO A 241 -4.55 -7.59 -13.58
N THR A 242 -3.59 -8.56 -13.52
CA THR A 242 -3.68 -9.73 -14.40
C THR A 242 -5.00 -10.50 -14.22
N LYS A 243 -5.28 -10.90 -12.97
CA LYS A 243 -6.46 -11.66 -12.62
C LYS A 243 -7.75 -10.99 -12.92
N PHE A 244 -7.89 -9.68 -12.59
CA PHE A 244 -9.11 -8.93 -12.91
C PHE A 244 -9.26 -8.65 -14.43
N LEU A 245 -8.16 -8.35 -15.15
CA LEU A 245 -8.24 -8.15 -16.61
C LEU A 245 -8.60 -9.46 -17.32
N GLU A 246 -8.26 -10.63 -16.72
CA GLU A 246 -8.70 -11.92 -17.25
C GLU A 246 -10.20 -12.02 -17.06
N LEU A 247 -10.72 -11.52 -15.94
CA LEU A 247 -12.17 -11.56 -15.67
C LEU A 247 -12.99 -10.55 -16.49
N ILE A 248 -12.41 -9.40 -16.80
CA ILE A 248 -13.06 -8.29 -17.52
C ILE A 248 -12.91 -8.42 -19.04
N GLY A 249 -11.69 -8.78 -19.45
CA GLY A 249 -11.29 -8.84 -20.85
C GLY A 249 -10.63 -7.51 -21.22
N ILE A 250 -9.98 -7.45 -22.40
CA ILE A 250 -9.26 -6.23 -22.83
C ILE A 250 -9.84 -5.51 -24.06
N ALA A 251 -10.97 -6.00 -24.56
CA ALA A 251 -11.61 -5.40 -25.74
C ALA A 251 -12.69 -4.39 -25.32
N GLN A 252 -12.68 -4.01 -24.03
CA GLN A 252 -13.68 -3.25 -23.30
C GLN A 252 -13.72 -1.73 -23.34
N GLY A 253 -13.02 -1.07 -24.29
CA GLY A 253 -13.02 0.39 -24.42
C GLY A 253 -12.74 1.12 -23.12
N GLN A 254 -13.49 2.21 -22.83
CA GLN A 254 -13.34 2.98 -21.59
C GLN A 254 -14.04 2.25 -20.41
N MET A 255 -14.41 0.96 -20.56
CA MET A 255 -15.20 0.31 -19.53
C MET A 255 -14.59 -0.66 -18.53
N THR A 256 -13.27 -0.60 -18.29
CA THR A 256 -12.60 -1.49 -17.35
C THR A 256 -13.12 -1.33 -15.95
N VAL A 257 -13.16 -0.10 -15.44
CA VAL A 257 -13.62 0.23 -14.10
C VAL A 257 -15.08 -0.19 -13.93
N LEU A 258 -15.91 0.10 -14.94
CA LEU A 258 -17.32 -0.24 -14.89
C LEU A 258 -17.52 -1.74 -14.91
N ARG A 259 -16.79 -2.49 -15.77
CA ARG A 259 -16.89 -3.96 -15.76
C ARG A 259 -16.34 -4.53 -14.44
N LEU A 260 -15.37 -3.81 -13.82
CA LEU A 260 -14.74 -4.23 -12.56
C LEU A 260 -15.75 -4.13 -11.43
N THR A 261 -16.37 -2.94 -11.29
CA THR A 261 -17.35 -2.64 -10.27
C THR A 261 -18.49 -3.63 -10.34
N GLU A 262 -18.99 -3.91 -11.55
CA GLU A 262 -20.08 -4.88 -11.70
C GLU A 262 -19.74 -6.32 -11.40
N LEU A 263 -18.48 -6.74 -11.63
CA LEU A 263 -18.12 -8.11 -11.22
C LEU A 263 -17.94 -8.14 -9.72
N LEU A 264 -17.44 -7.04 -9.12
CA LEU A 264 -17.26 -6.97 -7.67
C LEU A 264 -18.64 -6.96 -7.01
N GLU A 265 -19.61 -6.31 -7.66
CA GLU A 265 -20.99 -6.26 -7.18
C GLU A 265 -21.72 -7.58 -7.33
N ARG A 266 -21.29 -8.45 -8.28
CA ARG A 266 -21.80 -9.81 -8.50
C ARG A 266 -21.17 -10.83 -7.52
N GLY A 267 -20.35 -10.34 -6.60
CA GLY A 267 -19.70 -11.17 -5.59
C GLY A 267 -18.47 -11.92 -6.07
N GLU A 268 -18.02 -11.65 -7.31
CA GLU A 268 -16.82 -12.26 -7.85
C GLU A 268 -15.59 -11.65 -7.18
N ARG A 269 -14.59 -12.49 -6.92
CA ARG A 269 -13.38 -12.04 -6.23
C ARG A 269 -12.15 -12.72 -6.76
N LEU A 270 -10.96 -12.18 -6.44
CA LEU A 270 -9.66 -12.77 -6.68
C LEU A 270 -9.66 -14.19 -6.07
N PRO A 271 -9.04 -15.19 -6.73
CA PRO A 271 -9.13 -16.55 -6.19
C PRO A 271 -8.25 -16.83 -4.98
N ARG A 272 -8.47 -17.97 -4.35
CA ARG A 272 -7.69 -18.38 -3.19
C ARG A 272 -6.29 -18.75 -3.66
N PRO A 273 -5.24 -18.07 -3.15
CA PRO A 273 -3.88 -18.40 -3.57
C PRO A 273 -3.50 -19.85 -3.26
N ASP A 274 -2.63 -20.42 -4.11
CA ASP A 274 -2.11 -21.77 -3.95
C ASP A 274 -1.43 -21.81 -2.60
N LYS A 275 -1.82 -22.79 -1.75
CA LYS A 275 -1.30 -22.99 -0.39
C LYS A 275 -1.72 -21.90 0.63
N CYS A 276 -2.79 -21.11 0.31
CA CYS A 276 -3.29 -20.14 1.29
C CYS A 276 -4.31 -20.87 2.17
N PRO A 277 -4.16 -20.85 3.51
CA PRO A 277 -5.14 -21.55 4.34
C PRO A 277 -6.53 -20.96 4.20
N ALA A 278 -7.53 -21.88 4.27
CA ALA A 278 -8.96 -21.64 4.21
C ALA A 278 -9.34 -20.45 5.08
N GLU A 279 -8.85 -20.42 6.33
CA GLU A 279 -9.13 -19.36 7.31
C GLU A 279 -8.65 -17.99 6.86
N VAL A 280 -7.40 -17.91 6.34
CA VAL A 280 -6.75 -16.71 5.80
C VAL A 280 -7.55 -16.24 4.59
N TYR A 281 -7.96 -17.18 3.69
CA TYR A 281 -8.80 -16.84 2.52
C TYR A 281 -10.11 -16.18 2.96
N HIS A 282 -10.79 -16.74 3.99
CA HIS A 282 -12.03 -16.19 4.55
C HIS A 282 -11.82 -14.80 5.18
N LEU A 283 -10.64 -14.56 5.81
CA LEU A 283 -10.29 -13.24 6.34
C LEU A 283 -10.18 -12.24 5.16
N MET A 284 -9.54 -12.65 4.05
CA MET A 284 -9.38 -11.87 2.81
C MET A 284 -10.75 -11.46 2.29
N LYS A 285 -11.64 -12.45 2.07
CA LYS A 285 -13.00 -12.23 1.60
C LYS A 285 -13.75 -11.32 2.55
N ASN A 286 -13.49 -11.42 3.87
CA ASN A 286 -14.14 -10.55 4.86
C ASN A 286 -13.67 -9.08 4.71
N CYS A 287 -12.43 -8.87 4.27
CA CYS A 287 -11.84 -7.58 3.92
C CYS A 287 -12.48 -7.07 2.64
N TRP A 288 -13.02 -7.99 1.80
CA TRP A 288 -13.66 -7.71 0.51
C TRP A 288 -15.16 -7.78 0.55
N GLU A 289 -15.77 -7.49 1.70
CA GLU A 289 -17.22 -7.43 1.76
C GLU A 289 -17.65 -6.28 0.86
N THR A 290 -18.72 -6.44 0.09
CA THR A 290 -19.19 -5.33 -0.73
C THR A 290 -19.62 -4.21 0.22
N GLU A 291 -20.26 -4.57 1.34
CA GLU A 291 -20.68 -3.60 2.35
C GLU A 291 -19.48 -3.16 3.20
N ALA A 292 -19.10 -1.87 3.05
CA ALA A 292 -17.94 -1.27 3.74
C ALA A 292 -17.97 -1.48 5.25
N SER A 293 -19.16 -1.33 5.89
CA SER A 293 -19.34 -1.53 7.34
C SER A 293 -19.19 -2.96 7.79
N PHE A 294 -19.39 -3.93 6.91
CA PHE A 294 -19.23 -5.36 7.24
C PHE A 294 -17.75 -5.84 7.26
N ARG A 295 -16.82 -4.94 6.90
CA ARG A 295 -15.41 -5.28 6.82
C ARG A 295 -14.79 -5.09 8.20
N PRO A 296 -13.78 -5.88 8.60
CA PRO A 296 -13.14 -5.62 9.91
C PRO A 296 -12.40 -4.30 9.80
N THR A 297 -12.11 -3.65 10.93
CA THR A 297 -11.27 -2.47 10.89
C THR A 297 -9.84 -2.96 11.01
N PHE A 298 -8.85 -2.06 10.95
CA PHE A 298 -7.46 -2.52 11.19
C PHE A 298 -7.23 -2.99 12.63
N GLU A 299 -7.86 -2.30 13.61
CA GLU A 299 -7.84 -2.68 15.05
C GLU A 299 -8.37 -4.11 15.18
N ASN A 300 -9.50 -4.46 14.53
CA ASN A 300 -10.09 -5.81 14.60
C ASN A 300 -9.12 -6.88 14.07
N LEU A 301 -8.37 -6.51 13.04
CA LEU A 301 -7.42 -7.38 12.33
C LEU A 301 -6.19 -7.71 13.13
N ILE A 302 -5.68 -6.74 13.92
CA ILE A 302 -4.47 -6.94 14.73
C ILE A 302 -4.55 -8.20 15.63
N PRO A 303 -5.53 -8.37 16.57
CA PRO A 303 -5.58 -9.60 17.38
C PRO A 303 -5.75 -10.86 16.55
N ILE A 304 -6.56 -10.76 15.48
CA ILE A 304 -6.84 -11.86 14.57
C ILE A 304 -5.55 -12.32 13.89
N LEU A 305 -4.80 -11.38 13.30
CA LEU A 305 -3.55 -11.73 12.63
C LEU A 305 -2.53 -12.25 13.64
N LYS A 306 -2.42 -11.59 14.82
CA LYS A 306 -1.50 -12.00 15.87
C LYS A 306 -1.65 -13.48 16.20
N THR A 307 -2.91 -13.90 16.43
CA THR A 307 -3.33 -15.28 16.76
C THR A 307 -3.04 -16.24 15.61
N VAL A 308 -3.41 -15.85 14.37
CA VAL A 308 -3.21 -16.63 13.14
C VAL A 308 -1.71 -16.81 12.78
N HIS A 309 -0.86 -15.79 13.08
CA HIS A 309 0.59 -15.88 12.90
C HIS A 309 1.19 -16.88 13.92
N GLU A 310 0.87 -16.69 15.23
CA GLU A 310 1.31 -17.55 16.34
C GLU A 310 1.00 -19.01 16.01
N LYS A 311 -0.19 -19.28 15.44
CA LYS A 311 -0.62 -20.60 15.04
C LYS A 311 0.32 -21.20 13.99
N TYR A 312 0.64 -20.43 12.92
CA TYR A 312 1.51 -20.91 11.86
C TYR A 312 3.01 -20.94 12.16
N GLN A 313 3.45 -20.06 13.07
CA GLN A 313 4.82 -19.93 13.57
C GLN A 313 5.22 -21.22 14.32
N GLY A 314 4.21 -22.04 14.65
CA GLY A 314 4.37 -23.33 15.30
C GLY A 314 4.16 -24.43 14.25
#